data_2Y2E
#
_entry.id   2Y2E
#
_cell.length_a   67.982
_cell.length_b   67.982
_cell.length_c   93.125
_cell.angle_alpha   90.00
_cell.angle_beta   90.00
_cell.angle_gamma   120.00
#
_symmetry.space_group_name_H-M   'P 32'
#
loop_
_entity.id
_entity.type
_entity.pdbx_description
1 polymer '1,6-ANHYDRO-N-ACETYLMURAMYL-L-ALANINE AMIDASE AMPD'
2 non-polymer 'ZINC ION'
3 water water
#
_entity_poly.entity_id   1
_entity_poly.type   'polypeptide(L)'
_entity_poly.pdbx_seq_one_letter_code
;MLLDEGWLAEARRVPSPHYDCRPDDENPSLLVVHNISLPPGEFGGPWIDALFTGTIDPNAHPYFAGIAHLRVSAHCLIRR
DGEIVQYVPFDKRAWHAGVSSYQGRERCNDFSIGIELEGTDTLAYTDAQYQQLAAVTNALITRYPAIANNMTGHCNIAPE
RKTDPGPSFDWARFRALVTPSSHKEMT
;
_entity_poly.pdbx_strand_id   A,B,C
#
loop_
_chem_comp.id
_chem_comp.type
_chem_comp.name
_chem_comp.formula
ZN non-polymer 'ZINC ION' 'Zn 2'
#
# COMPACT_ATOMS: atom_id res chain seq x y z
N MET A 1 -12.08 -17.06 11.03
CA MET A 1 -10.88 -17.68 10.44
C MET A 1 -10.84 -17.43 8.93
N LEU A 2 -9.71 -17.76 8.30
CA LEU A 2 -9.50 -17.34 6.93
C LEU A 2 -9.92 -18.36 5.86
N LEU A 3 -10.10 -17.85 4.64
CA LEU A 3 -10.30 -18.69 3.45
C LEU A 3 -9.04 -18.71 2.59
N ASP A 4 -8.80 -19.85 1.96
CA ASP A 4 -7.57 -20.10 1.24
C ASP A 4 -7.94 -20.66 -0.13
N GLU A 5 -8.12 -19.77 -1.10
CA GLU A 5 -8.39 -20.21 -2.47
C GLU A 5 -9.69 -21.02 -2.54
N GLY A 6 -10.68 -20.63 -1.74
CA GLY A 6 -12.00 -21.28 -1.74
C GLY A 6 -12.12 -22.39 -0.72
N TRP A 7 -11.01 -22.72 -0.08
CA TRP A 7 -11.05 -23.73 0.96
C TRP A 7 -10.98 -23.11 2.36
N LEU A 8 -11.54 -23.83 3.33
CA LEU A 8 -11.40 -23.52 4.74
C LEU A 8 -9.98 -23.80 5.21
N ALA A 9 -9.41 -22.83 5.93
CA ALA A 9 -8.06 -22.90 6.43
C ALA A 9 -7.93 -23.94 7.52
N GLU A 10 -9.04 -24.20 8.22
CA GLU A 10 -9.05 -25.11 9.36
C GLU A 10 -10.04 -26.27 9.19
N ALA A 11 -9.99 -26.89 8.01
CA ALA A 11 -10.86 -28.02 7.69
C ALA A 11 -10.06 -29.14 7.04
N ARG A 12 -10.50 -30.37 7.23
CA ARG A 12 -9.86 -31.50 6.59
C ARG A 12 -10.27 -31.42 5.13
N ARG A 13 -9.32 -31.59 4.22
CA ARG A 13 -9.62 -31.47 2.79
C ARG A 13 -9.92 -32.83 2.17
N VAL A 14 -11.18 -33.02 1.76
CA VAL A 14 -11.62 -34.27 1.14
C VAL A 14 -12.22 -33.99 -0.23
N PRO A 15 -11.37 -33.61 -1.19
CA PRO A 15 -11.77 -33.19 -2.54
C PRO A 15 -12.65 -34.22 -3.23
N SER A 16 -13.92 -33.87 -3.44
CA SER A 16 -14.84 -34.83 -4.06
C SER A 16 -14.85 -34.62 -5.57
N PRO A 17 -15.09 -35.70 -6.34
CA PRO A 17 -15.29 -35.48 -7.77
C PRO A 17 -16.64 -34.80 -8.06
N HIS A 18 -17.57 -34.91 -7.12
CA HIS A 18 -18.93 -34.39 -7.27
C HIS A 18 -19.07 -32.86 -7.21
N TYR A 19 -18.71 -32.18 -8.29
CA TYR A 19 -18.92 -30.74 -8.37
C TYR A 19 -18.70 -30.25 -9.76
N ASP A 20 -19.24 -29.07 -10.05
CA ASP A 20 -19.06 -28.43 -11.33
C ASP A 20 -19.19 -26.93 -11.15
N CYS A 21 -19.27 -26.21 -12.26
CA CYS A 21 -19.24 -24.77 -12.18
C CYS A 21 -20.59 -24.17 -11.81
N ARG A 22 -20.54 -23.10 -11.02
CA ARG A 22 -21.64 -22.17 -10.89
C ARG A 22 -21.77 -21.43 -12.22
N PRO A 23 -23.00 -21.27 -12.70
CA PRO A 23 -23.27 -20.57 -13.96
C PRO A 23 -22.83 -19.11 -13.88
N ASP A 24 -22.17 -18.61 -14.92
CA ASP A 24 -21.68 -17.23 -14.92
C ASP A 24 -20.59 -17.07 -13.85
N ASP A 25 -20.11 -18.17 -13.31
CA ASP A 25 -19.14 -18.08 -12.20
C ASP A 25 -19.61 -17.08 -11.14
N GLU A 26 -20.90 -17.10 -10.87
CA GLU A 26 -21.50 -16.23 -9.88
C GLU A 26 -20.95 -16.51 -8.49
N ASN A 27 -20.84 -15.46 -7.68
CA ASN A 27 -20.47 -15.61 -6.28
C ASN A 27 -21.66 -16.11 -5.47
N PRO A 28 -21.46 -17.08 -4.57
CA PRO A 28 -22.63 -17.53 -3.81
C PRO A 28 -23.09 -16.42 -2.86
N SER A 29 -24.40 -16.30 -2.68
CA SER A 29 -24.96 -15.28 -1.81
C SER A 29 -25.81 -15.86 -0.66
N LEU A 30 -26.19 -17.12 -0.77
CA LEU A 30 -27.02 -17.77 0.25
C LEU A 30 -26.28 -18.88 1.00
N LEU A 31 -26.59 -19.06 2.27
CA LEU A 31 -26.15 -20.20 3.04
C LEU A 31 -27.30 -21.16 3.32
N VAL A 32 -27.12 -22.42 2.96
CA VAL A 32 -28.17 -23.40 3.24
C VAL A 32 -27.67 -24.40 4.27
N VAL A 33 -28.39 -24.47 5.37
CA VAL A 33 -28.05 -25.42 6.43
C VAL A 33 -28.74 -26.75 6.20
N HIS A 34 -27.96 -27.83 6.27
CA HIS A 34 -28.45 -29.20 6.13
C HIS A 34 -28.12 -30.04 7.39
N ASN A 35 -28.77 -31.19 7.54
CA ASN A 35 -28.23 -32.24 8.41
C ASN A 35 -28.11 -33.55 7.66
N ILE A 36 -27.31 -34.46 8.19
CA ILE A 36 -27.16 -35.75 7.57
C ILE A 36 -26.65 -36.70 8.62
N SER A 37 -27.06 -37.95 8.51
CA SER A 37 -26.56 -39.00 9.37
C SER A 37 -26.67 -40.27 8.56
N LEU A 38 -25.60 -41.06 8.60
CA LEU A 38 -25.53 -42.30 7.83
C LEU A 38 -24.89 -43.41 8.67
N PRO A 39 -25.60 -44.55 8.81
CA PRO A 39 -26.99 -44.70 8.39
C PRO A 39 -27.82 -43.81 9.32
N PRO A 40 -29.08 -43.51 8.96
CA PRO A 40 -29.93 -42.60 9.74
C PRO A 40 -29.85 -42.81 11.25
N GLY A 41 -29.67 -41.70 11.98
CA GLY A 41 -29.64 -41.75 13.44
C GLY A 41 -28.28 -42.07 14.05
N GLU A 42 -27.35 -42.51 13.21
CA GLU A 42 -26.04 -42.89 13.69
C GLU A 42 -25.02 -41.84 13.31
N PHE A 43 -24.01 -41.66 14.15
CA PHE A 43 -22.93 -40.71 13.88
C PHE A 43 -21.57 -41.36 13.98
N GLY A 44 -20.59 -40.75 13.30
CA GLY A 44 -19.20 -41.13 13.44
C GLY A 44 -18.61 -41.93 12.30
N GLY A 45 -19.45 -42.60 11.51
CA GLY A 45 -18.95 -43.53 10.51
C GLY A 45 -18.30 -42.87 9.31
N PRO A 46 -17.78 -43.68 8.38
CA PRO A 46 -17.12 -43.18 7.16
C PRO A 46 -18.10 -42.87 6.02
N TRP A 47 -19.37 -43.21 6.21
CA TRP A 47 -20.33 -43.20 5.09
C TRP A 47 -20.65 -41.83 4.51
N ILE A 48 -20.59 -40.77 5.34
CA ILE A 48 -20.88 -39.45 4.78
C ILE A 48 -19.83 -39.07 3.76
N ASP A 49 -18.57 -39.13 4.18
CA ASP A 49 -17.46 -38.87 3.28
C ASP A 49 -17.60 -39.63 1.96
N ALA A 50 -18.00 -40.89 2.04
CA ALA A 50 -18.10 -41.74 0.86
C ALA A 50 -19.25 -41.32 -0.07
N LEU A 51 -20.45 -41.18 0.48
CA LEU A 51 -21.60 -40.75 -0.30
C LEU A 51 -21.29 -39.47 -1.08
N PHE A 52 -20.60 -38.54 -0.42
CA PHE A 52 -20.32 -37.26 -1.06
C PHE A 52 -19.26 -37.37 -2.16
N THR A 53 -18.42 -38.39 -2.08
CA THR A 53 -17.38 -38.57 -3.12
C THR A 53 -17.72 -39.64 -4.14
N GLY A 54 -18.93 -40.14 -4.05
CA GLY A 54 -19.44 -41.07 -5.05
C GLY A 54 -18.96 -42.51 -4.92
N THR A 55 -18.45 -42.88 -3.75
CA THR A 55 -17.89 -44.22 -3.54
C THR A 55 -18.55 -45.02 -2.43
N ILE A 56 -19.78 -44.68 -2.06
CA ILE A 56 -20.40 -45.45 -1.00
C ILE A 56 -20.66 -46.88 -1.49
N ASP A 57 -20.51 -47.82 -0.57
CA ASP A 57 -20.84 -49.23 -0.82
C ASP A 57 -22.34 -49.42 -0.64
N PRO A 58 -23.06 -49.60 -1.75
CA PRO A 58 -24.52 -49.76 -1.71
C PRO A 58 -24.91 -50.87 -0.74
N ASN A 59 -23.99 -51.80 -0.52
CA ASN A 59 -24.28 -53.02 0.24
C ASN A 59 -23.94 -52.93 1.73
N ALA A 60 -23.21 -51.89 2.14
CA ALA A 60 -22.75 -51.78 3.53
C ALA A 60 -23.89 -51.81 4.56
N HIS A 61 -25.06 -51.31 4.17
CA HIS A 61 -26.17 -51.15 5.09
C HIS A 61 -27.44 -51.07 4.26
N PRO A 62 -28.54 -51.65 4.74
CA PRO A 62 -29.78 -51.70 3.97
C PRO A 62 -30.18 -50.32 3.42
N TYR A 63 -29.83 -49.25 4.12
CA TYR A 63 -30.24 -47.90 3.72
C TYR A 63 -29.47 -47.37 2.49
N PHE A 64 -28.28 -47.90 2.25
CA PHE A 64 -27.37 -47.32 1.26
C PHE A 64 -27.72 -47.64 -0.20
N ALA A 65 -28.30 -48.81 -0.43
CA ALA A 65 -28.74 -49.18 -1.77
C ALA A 65 -29.43 -48.00 -2.45
N GLY A 66 -30.38 -47.40 -1.74
CA GLY A 66 -31.17 -46.33 -2.32
C GLY A 66 -30.36 -45.13 -2.73
N ILE A 67 -29.36 -44.79 -1.93
CA ILE A 67 -28.69 -43.52 -2.11
C ILE A 67 -27.47 -43.64 -3.03
N ALA A 68 -27.09 -44.87 -3.36
CA ALA A 68 -26.00 -45.08 -4.31
C ALA A 68 -26.36 -44.49 -5.66
N HIS A 69 -27.64 -44.57 -6.03
CA HIS A 69 -28.13 -44.02 -7.30
C HIS A 69 -28.13 -42.50 -7.25
N LEU A 70 -27.74 -41.96 -6.11
CA LEU A 70 -27.70 -40.52 -5.97
C LEU A 70 -26.33 -40.00 -6.38
N ARG A 71 -26.31 -38.76 -6.81
CA ARG A 71 -25.05 -38.08 -7.09
C ARG A 71 -25.10 -36.74 -6.41
N VAL A 72 -24.79 -36.72 -5.11
CA VAL A 72 -24.90 -35.52 -4.32
C VAL A 72 -23.57 -35.19 -3.70
N SER A 73 -23.51 -34.01 -3.09
CA SER A 73 -22.32 -33.52 -2.44
C SER A 73 -22.65 -32.23 -1.72
N ALA A 74 -21.94 -31.97 -0.63
CA ALA A 74 -21.99 -30.67 0.03
C ALA A 74 -20.60 -30.04 0.08
N HIS A 75 -20.55 -28.76 0.47
CA HIS A 75 -19.30 -28.05 0.63
C HIS A 75 -18.59 -28.48 1.92
N CYS A 76 -19.32 -28.51 3.03
CA CYS A 76 -18.72 -28.90 4.31
C CYS A 76 -19.61 -29.79 5.12
N LEU A 77 -18.96 -30.58 5.99
CA LEU A 77 -19.65 -31.33 7.02
C LEU A 77 -19.07 -30.86 8.33
N ILE A 78 -19.90 -30.65 9.35
CA ILE A 78 -19.35 -30.40 10.69
C ILE A 78 -19.82 -31.55 11.56
N ARG A 79 -18.87 -32.40 11.97
CA ARG A 79 -19.18 -33.60 12.75
C ARG A 79 -19.55 -33.32 14.22
N ARG A 80 -19.95 -34.36 14.94
CA ARG A 80 -20.46 -34.23 16.31
C ARG A 80 -19.45 -33.60 17.29
N ASP A 81 -18.17 -33.86 17.08
CA ASP A 81 -17.13 -33.30 17.95
C ASP A 81 -16.66 -31.95 17.42
N GLY A 82 -17.23 -31.51 16.32
CA GLY A 82 -16.90 -30.21 15.80
C GLY A 82 -15.96 -30.25 14.62
N GLU A 83 -15.43 -31.44 14.32
CA GLU A 83 -14.50 -31.54 13.21
C GLU A 83 -15.16 -31.01 11.93
N ILE A 84 -14.47 -30.14 11.22
CA ILE A 84 -14.92 -29.63 9.92
C ILE A 84 -14.25 -30.35 8.75
N VAL A 85 -15.07 -30.91 7.87
CA VAL A 85 -14.58 -31.60 6.66
C VAL A 85 -15.10 -30.85 5.43
N GLN A 86 -14.21 -30.57 4.47
CA GLN A 86 -14.62 -29.91 3.24
C GLN A 86 -14.45 -30.78 2.00
N TYR A 87 -15.44 -30.71 1.11
CA TYR A 87 -15.44 -31.52 -0.09
C TYR A 87 -15.35 -30.71 -1.39
N VAL A 88 -15.81 -29.47 -1.35
CA VAL A 88 -15.86 -28.62 -2.53
C VAL A 88 -15.43 -27.21 -2.17
N PRO A 89 -14.68 -26.54 -3.07
CA PRO A 89 -14.28 -25.17 -2.76
C PRO A 89 -15.52 -24.33 -2.91
N PHE A 90 -15.56 -23.17 -2.27
CA PHE A 90 -16.86 -22.53 -2.13
C PHE A 90 -17.29 -21.88 -3.45
N ASP A 91 -16.32 -21.40 -4.21
CA ASP A 91 -16.60 -20.82 -5.51
C ASP A 91 -17.28 -21.80 -6.47
N LYS A 92 -17.14 -23.10 -6.24
CA LYS A 92 -17.76 -24.10 -7.13
C LYS A 92 -19.11 -24.64 -6.65
N ARG A 93 -19.80 -25.32 -7.56
CA ARG A 93 -21.17 -25.83 -7.37
C ARG A 93 -21.20 -27.24 -6.78
N ALA A 94 -21.54 -27.31 -5.50
CA ALA A 94 -21.77 -28.61 -4.87
C ALA A 94 -23.22 -28.96 -5.14
N TRP A 95 -23.60 -30.20 -4.88
CA TRP A 95 -24.90 -30.68 -5.28
C TRP A 95 -25.67 -31.08 -4.04
N HIS A 96 -26.18 -30.06 -3.34
CA HIS A 96 -26.74 -30.24 -2.01
C HIS A 96 -28.22 -29.88 -1.87
N ALA A 97 -28.71 -28.98 -2.70
CA ALA A 97 -30.11 -28.56 -2.57
C ALA A 97 -31.15 -29.45 -3.29
N GLY A 98 -30.82 -29.92 -4.48
CA GLY A 98 -31.80 -30.64 -5.28
C GLY A 98 -32.83 -29.64 -5.78
N VAL A 99 -34.02 -30.12 -6.10
CA VAL A 99 -35.11 -29.24 -6.54
C VAL A 99 -35.41 -28.32 -5.37
N SER A 100 -35.25 -27.02 -5.58
CA SER A 100 -35.38 -26.03 -4.53
C SER A 100 -35.68 -24.64 -5.08
N SER A 101 -36.11 -23.74 -4.18
CA SER A 101 -36.42 -22.36 -4.55
C SER A 101 -36.26 -21.39 -3.37
N TYR A 102 -35.63 -20.24 -3.63
CA TYR A 102 -35.45 -19.16 -2.66
C TYR A 102 -35.83 -17.81 -3.28
N GLN A 103 -36.83 -17.16 -2.73
CA GLN A 103 -37.17 -15.80 -3.16
C GLN A 103 -37.47 -15.69 -4.66
N GLY A 104 -37.98 -16.77 -5.24
CA GLY A 104 -38.34 -16.77 -6.65
C GLY A 104 -37.33 -17.48 -7.52
N ARG A 105 -36.11 -17.64 -7.02
CA ARG A 105 -35.02 -18.26 -7.79
C ARG A 105 -34.85 -19.77 -7.53
N GLU A 106 -34.92 -20.56 -8.61
CA GLU A 106 -34.78 -22.01 -8.49
C GLU A 106 -33.34 -22.48 -8.57
N ARG A 107 -33.12 -23.78 -8.50
CA ARG A 107 -31.78 -24.32 -8.64
C ARG A 107 -30.82 -23.62 -7.70
N CYS A 108 -31.01 -23.84 -6.41
CA CYS A 108 -30.25 -23.11 -5.40
C CYS A 108 -28.77 -23.54 -5.33
N ASN A 109 -28.45 -24.72 -5.86
CA ASN A 109 -27.04 -25.11 -6.01
C ASN A 109 -26.26 -23.99 -6.67
N ASP A 110 -26.91 -23.36 -7.64
CA ASP A 110 -26.28 -22.29 -8.40
C ASP A 110 -25.61 -21.24 -7.53
N PHE A 111 -26.34 -20.70 -6.54
CA PHE A 111 -25.93 -19.49 -5.83
C PHE A 111 -25.78 -19.67 -4.31
N SER A 112 -25.83 -20.91 -3.85
CA SER A 112 -25.72 -21.19 -2.42
C SER A 112 -24.51 -22.05 -2.10
N ILE A 113 -24.10 -21.98 -0.84
CA ILE A 113 -23.12 -22.88 -0.27
C ILE A 113 -23.87 -23.75 0.71
N GLY A 114 -23.48 -25.02 0.78
CA GLY A 114 -24.20 -25.99 1.58
C GLY A 114 -23.32 -26.62 2.65
N ILE A 115 -23.71 -26.39 3.91
CA ILE A 115 -22.98 -26.91 5.06
C ILE A 115 -23.86 -27.88 5.86
N GLU A 116 -23.37 -29.10 6.04
CA GLU A 116 -24.11 -30.14 6.77
C GLU A 116 -23.67 -30.30 8.24
N LEU A 117 -24.65 -30.40 9.13
CA LEU A 117 -24.41 -30.77 10.52
C LEU A 117 -24.78 -32.22 10.71
N GLU A 118 -23.81 -33.02 11.12
CA GLU A 118 -24.09 -34.40 11.48
C GLU A 118 -25.08 -34.34 12.63
N GLY A 119 -26.22 -35.00 12.47
CA GLY A 119 -27.34 -34.91 13.39
C GLY A 119 -28.67 -35.23 12.72
N THR A 120 -29.76 -35.13 13.51
CA THR A 120 -31.09 -35.29 12.97
C THR A 120 -31.98 -34.09 13.33
N ASP A 121 -33.21 -34.14 12.83
CA ASP A 121 -34.17 -33.06 13.03
C ASP A 121 -34.64 -32.98 14.48
N THR A 122 -34.48 -34.07 15.24
CA THR A 122 -35.08 -34.13 16.57
C THR A 122 -34.07 -34.30 17.68
N LEU A 123 -32.81 -34.47 17.29
CA LEU A 123 -31.76 -34.56 18.27
C LEU A 123 -31.06 -33.21 18.37
N ALA A 124 -30.69 -32.86 19.59
CA ALA A 124 -29.95 -31.64 19.80
C ALA A 124 -28.60 -31.74 19.08
N TYR A 125 -28.18 -30.63 18.47
CA TYR A 125 -26.82 -30.50 17.95
C TYR A 125 -25.87 -30.13 19.08
N THR A 126 -24.57 -30.34 18.89
CA THR A 126 -23.64 -30.10 19.99
C THR A 126 -23.11 -28.67 20.09
N ASP A 127 -22.58 -28.37 21.26
CA ASP A 127 -21.92 -27.11 21.53
C ASP A 127 -20.79 -26.87 20.53
N ALA A 128 -20.09 -27.95 20.18
CA ALA A 128 -18.98 -27.81 19.24
C ALA A 128 -19.54 -27.38 17.90
N GLN A 129 -20.65 -28.00 17.51
CA GLN A 129 -21.23 -27.73 16.20
C GLN A 129 -21.70 -26.29 16.07
N TYR A 130 -22.28 -25.75 17.15
CA TYR A 130 -22.71 -24.36 17.14
C TYR A 130 -21.52 -23.41 17.01
N GLN A 131 -20.51 -23.62 17.83
CA GLN A 131 -19.32 -22.80 17.72
C GLN A 131 -18.72 -22.92 16.30
N GLN A 132 -18.57 -24.15 15.82
CA GLN A 132 -17.88 -24.35 14.55
C GLN A 132 -18.66 -23.74 13.37
N LEU A 133 -19.94 -24.10 13.24
CA LEU A 133 -20.79 -23.50 12.21
C LEU A 133 -20.68 -21.96 12.22
N ALA A 134 -20.63 -21.35 13.41
CA ALA A 134 -20.54 -19.89 13.54
C ALA A 134 -19.22 -19.38 12.95
N ALA A 135 -18.14 -20.05 13.34
CA ALA A 135 -16.81 -19.77 12.80
C ALA A 135 -16.83 -19.77 11.26
N VAL A 136 -17.27 -20.87 10.69
CA VAL A 136 -17.36 -21.02 9.24
C VAL A 136 -18.23 -19.95 8.59
N THR A 137 -19.43 -19.75 9.11
CA THR A 137 -20.29 -18.72 8.55
C THR A 137 -19.67 -17.31 8.63
N ASN A 138 -19.00 -16.99 9.74
CA ASN A 138 -18.31 -15.71 9.86
C ASN A 138 -17.24 -15.57 8.79
N ALA A 139 -16.53 -16.66 8.55
CA ALA A 139 -15.60 -16.74 7.43
C ALA A 139 -16.30 -16.38 6.12
N LEU A 140 -17.28 -17.17 5.71
CA LEU A 140 -17.97 -16.92 4.46
C LEU A 140 -18.43 -15.46 4.38
N ILE A 141 -19.00 -14.94 5.47
CA ILE A 141 -19.54 -13.57 5.51
C ILE A 141 -18.49 -12.52 5.18
N THR A 142 -17.26 -12.75 5.61
CA THR A 142 -16.17 -11.84 5.32
C THR A 142 -15.96 -11.83 3.82
N ARG A 143 -16.03 -13.03 3.24
CA ARG A 143 -15.83 -13.24 1.82
C ARG A 143 -17.02 -12.79 0.97
N TYR A 144 -18.20 -13.33 1.29
CA TYR A 144 -19.44 -12.99 0.61
C TYR A 144 -20.43 -12.24 1.52
N PRO A 145 -20.34 -10.90 1.52
CA PRO A 145 -21.12 -9.98 2.36
C PRO A 145 -22.59 -10.36 2.37
N ALA A 146 -23.10 -10.68 1.19
CA ALA A 146 -24.52 -10.94 1.00
C ALA A 146 -25.05 -12.08 1.84
N ILE A 147 -24.19 -12.96 2.33
CA ILE A 147 -24.66 -14.14 3.05
C ILE A 147 -25.19 -13.76 4.45
N ALA A 148 -24.63 -12.68 4.99
CA ALA A 148 -25.13 -12.08 6.23
C ALA A 148 -26.65 -12.03 6.20
N ASN A 149 -27.20 -11.62 5.06
CA ASN A 149 -28.64 -11.39 4.94
C ASN A 149 -29.40 -12.59 4.35
N ASN A 150 -28.67 -13.66 4.05
CA ASN A 150 -29.27 -14.82 3.41
C ASN A 150 -28.77 -16.12 3.99
N MET A 151 -29.51 -16.62 4.97
CA MET A 151 -29.17 -17.82 5.67
C MET A 151 -30.46 -18.60 5.89
N THR A 152 -30.50 -19.83 5.42
CA THR A 152 -31.75 -20.60 5.46
C THR A 152 -31.50 -22.09 5.71
N GLY A 153 -32.56 -22.84 5.97
CA GLY A 153 -32.48 -24.29 6.03
C GLY A 153 -32.90 -24.97 4.74
N HIS A 154 -32.38 -26.18 4.49
CA HIS A 154 -32.85 -26.98 3.36
C HIS A 154 -34.38 -27.12 3.38
N CYS A 155 -34.96 -27.26 4.56
CA CYS A 155 -36.41 -27.35 4.64
C CYS A 155 -37.07 -26.07 4.18
N ASN A 156 -36.39 -24.93 4.30
CA ASN A 156 -36.98 -23.67 3.89
C ASN A 156 -36.98 -23.41 2.38
N ILE A 157 -36.08 -24.08 1.67
CA ILE A 157 -36.05 -23.96 0.22
C ILE A 157 -36.63 -25.19 -0.51
N ALA A 158 -36.84 -26.27 0.23
CA ALA A 158 -37.49 -27.44 -0.35
C ALA A 158 -38.58 -27.97 0.56
N PRO A 159 -39.59 -27.14 0.86
CA PRO A 159 -40.69 -27.49 1.77
C PRO A 159 -41.51 -28.66 1.23
N GLU A 160 -41.97 -29.54 2.12
CA GLU A 160 -42.67 -30.78 1.73
C GLU A 160 -41.81 -31.68 0.83
N ARG A 161 -40.52 -31.38 0.73
CA ARG A 161 -39.57 -32.37 0.25
C ARG A 161 -38.56 -32.67 1.37
N LYS A 162 -37.87 -31.63 1.84
CA LYS A 162 -36.88 -31.83 2.88
C LYS A 162 -37.31 -31.27 4.22
N THR A 163 -36.87 -31.90 5.31
CA THR A 163 -37.12 -31.36 6.65
C THR A 163 -35.87 -30.91 7.38
N ASP A 164 -34.70 -31.23 6.84
CA ASP A 164 -33.45 -30.81 7.47
C ASP A 164 -33.30 -29.29 7.37
N PRO A 165 -32.78 -28.64 8.43
CA PRO A 165 -32.22 -29.26 9.65
C PRO A 165 -33.18 -29.50 10.81
N GLY A 166 -34.47 -29.25 10.63
CA GLY A 166 -35.45 -29.60 11.64
C GLY A 166 -35.55 -28.66 12.82
N PRO A 167 -36.61 -28.83 13.63
CA PRO A 167 -36.88 -28.06 14.84
C PRO A 167 -35.71 -28.06 15.77
N SER A 168 -34.87 -29.08 15.66
CA SER A 168 -33.68 -29.17 16.49
C SER A 168 -32.73 -28.00 16.27
N PHE A 169 -32.70 -27.42 15.07
CA PHE A 169 -31.72 -26.36 14.79
C PHE A 169 -32.13 -25.01 15.38
N ASP A 170 -31.42 -24.58 16.42
CA ASP A 170 -31.77 -23.36 17.17
C ASP A 170 -31.29 -22.12 16.43
N TRP A 171 -32.15 -21.51 15.63
CA TRP A 171 -31.72 -20.35 14.84
C TRP A 171 -31.33 -19.17 15.72
N ALA A 172 -31.86 -19.15 16.95
CA ALA A 172 -31.55 -18.09 17.90
C ALA A 172 -30.08 -18.12 18.29
N ARG A 173 -29.67 -19.25 18.85
CA ARG A 173 -28.28 -19.47 19.22
C ARG A 173 -27.29 -19.26 18.06
N PHE A 174 -27.70 -19.65 16.86
CA PHE A 174 -26.82 -19.54 15.71
C PHE A 174 -26.62 -18.10 15.21
N ARG A 175 -27.71 -17.34 15.07
CA ARG A 175 -27.57 -15.95 14.65
C ARG A 175 -26.72 -15.18 15.65
N ALA A 176 -26.97 -15.41 16.93
CA ALA A 176 -26.22 -14.72 17.98
C ALA A 176 -24.70 -14.78 17.73
N LEU A 177 -24.19 -15.94 17.36
CA LEU A 177 -22.74 -16.08 17.19
C LEU A 177 -22.27 -15.50 15.86
N VAL A 178 -23.19 -15.12 14.99
CA VAL A 178 -22.83 -14.59 13.67
C VAL A 178 -22.79 -13.06 13.58
N THR A 179 -22.00 -12.57 12.60
CA THR A 179 -21.74 -11.13 12.38
C THR A 179 -21.39 -10.34 13.67
N PRO A 180 -20.47 -10.89 14.48
CA PRO A 180 -20.16 -10.38 15.83
C PRO A 180 -19.46 -9.02 15.78
N MET B 1 -6.05 -16.21 -7.23
CA MET B 1 -7.46 -16.40 -6.92
C MET B 1 -8.34 -15.35 -7.58
N LEU B 2 -9.14 -14.67 -6.78
CA LEU B 2 -10.19 -13.81 -7.30
C LEU B 2 -9.84 -12.33 -7.24
N LEU B 3 -10.15 -11.63 -8.33
CA LEU B 3 -9.99 -10.19 -8.46
C LEU B 3 -11.36 -9.51 -8.59
N ASP B 4 -11.53 -8.36 -7.94
CA ASP B 4 -12.79 -7.62 -8.00
C ASP B 4 -12.54 -6.13 -7.92
N GLU B 5 -12.64 -5.44 -9.05
CA GLU B 5 -12.47 -3.99 -9.08
C GLU B 5 -11.14 -3.58 -8.44
N GLY B 6 -10.05 -4.13 -8.96
CA GLY B 6 -8.71 -3.86 -8.44
C GLY B 6 -8.47 -4.42 -7.05
N TRP B 7 -9.48 -5.08 -6.47
CA TRP B 7 -9.35 -5.67 -5.13
C TRP B 7 -9.17 -7.19 -5.12
N LEU B 8 -8.00 -7.64 -4.66
CA LEU B 8 -7.80 -9.02 -4.28
C LEU B 8 -8.91 -9.45 -3.34
N ALA B 9 -9.69 -10.44 -3.75
CA ALA B 9 -10.92 -10.80 -3.05
C ALA B 9 -10.70 -11.45 -1.68
N GLU B 10 -9.58 -12.14 -1.52
CA GLU B 10 -9.29 -12.85 -0.27
C GLU B 10 -8.37 -12.10 0.69
N ALA B 11 -8.04 -10.85 0.38
CA ALA B 11 -7.19 -10.04 1.25
C ALA B 11 -8.01 -9.28 2.28
N ARG B 12 -7.48 -9.13 3.49
CA ARG B 12 -8.07 -8.20 4.45
C ARG B 12 -7.82 -6.76 3.98
N ARG B 13 -8.90 -6.03 3.69
CA ARG B 13 -8.80 -4.73 3.07
C ARG B 13 -8.53 -3.65 4.11
N VAL B 14 -7.47 -2.87 3.88
CA VAL B 14 -7.11 -1.72 4.71
C VAL B 14 -6.99 -0.46 3.82
N PRO B 15 -8.12 0.03 3.33
CA PRO B 15 -8.09 1.11 2.34
C PRO B 15 -7.24 2.27 2.80
N SER B 16 -6.22 2.61 2.03
CA SER B 16 -5.31 3.67 2.43
C SER B 16 -5.54 4.97 1.67
N PRO B 17 -5.36 6.10 2.36
CA PRO B 17 -5.48 7.39 1.68
C PRO B 17 -4.29 7.67 0.76
N HIS B 18 -3.21 6.89 0.88
CA HIS B 18 -2.01 7.15 0.08
C HIS B 18 -2.00 6.45 -1.27
N TYR B 19 -2.81 6.92 -2.20
CA TYR B 19 -2.65 6.48 -3.59
C TYR B 19 -3.27 7.51 -4.50
N ASP B 20 -2.77 7.62 -5.73
CA ASP B 20 -3.44 8.42 -6.75
C ASP B 20 -3.69 7.57 -8.01
N CYS B 21 -3.92 8.24 -9.13
CA CYS B 21 -4.14 7.58 -10.40
C CYS B 21 -2.87 7.11 -11.13
N ARG B 22 -2.98 5.97 -11.82
CA ARG B 22 -1.98 5.57 -12.81
C ARG B 22 -2.14 6.45 -14.05
N PRO B 23 -1.07 7.14 -14.46
CA PRO B 23 -1.18 7.98 -15.66
C PRO B 23 -1.79 7.22 -16.83
N ASP B 24 -2.48 7.94 -17.71
CA ASP B 24 -3.02 7.38 -18.95
C ASP B 24 -3.86 6.12 -18.72
N ASP B 25 -4.39 5.97 -17.51
CA ASP B 25 -5.10 4.75 -17.12
C ASP B 25 -4.32 3.47 -17.50
N GLU B 26 -2.99 3.54 -17.51
CA GLU B 26 -2.17 2.39 -17.94
C GLU B 26 -2.37 1.17 -17.06
N ASN B 27 -2.49 0.01 -17.68
CA ASN B 27 -2.46 -1.23 -16.93
C ASN B 27 -1.05 -1.52 -16.42
N PRO B 28 -0.92 -1.96 -15.16
CA PRO B 28 0.40 -2.30 -14.63
C PRO B 28 0.97 -3.51 -15.34
N SER B 29 2.30 -3.57 -15.42
CA SER B 29 2.95 -4.68 -16.12
C SER B 29 4.20 -5.24 -15.42
N LEU B 30 4.53 -4.67 -14.26
CA LEU B 30 5.71 -5.09 -13.50
C LEU B 30 5.39 -5.25 -12.01
N LEU B 31 5.76 -6.41 -11.47
CA LEU B 31 5.70 -6.67 -10.05
C LEU B 31 7.00 -6.28 -9.39
N VAL B 32 6.95 -5.54 -8.29
CA VAL B 32 8.12 -5.14 -7.55
C VAL B 32 8.04 -5.72 -6.14
N VAL B 33 8.89 -6.71 -5.84
CA VAL B 33 8.89 -7.34 -4.51
C VAL B 33 9.70 -6.53 -3.49
N HIS B 34 9.06 -6.15 -2.39
CA HIS B 34 9.70 -5.40 -1.30
C HIS B 34 9.78 -6.22 -0.03
N ASN B 35 10.53 -5.71 0.95
CA ASN B 35 10.40 -6.18 2.34
C ASN B 35 10.29 -5.00 3.31
N ILE B 36 9.82 -5.27 4.52
CA ILE B 36 9.62 -4.20 5.48
C ILE B 36 9.45 -4.79 6.87
N SER B 37 9.99 -4.09 7.87
CA SER B 37 9.88 -4.45 9.27
C SER B 37 9.86 -3.19 10.14
N LEU B 38 8.88 -3.11 11.03
CA LEU B 38 8.72 -1.96 11.90
C LEU B 38 8.28 -2.46 13.26
N PRO B 39 9.08 -2.17 14.30
CA PRO B 39 10.40 -1.55 14.18
C PRO B 39 11.35 -2.47 13.40
N PRO B 40 12.45 -1.91 12.88
CA PRO B 40 13.40 -2.70 12.06
C PRO B 40 13.82 -4.01 12.73
N GLY B 41 13.53 -5.13 12.09
CA GLY B 41 13.91 -6.43 12.60
C GLY B 41 12.77 -7.08 13.36
N GLU B 42 11.73 -6.29 13.65
CA GLU B 42 10.63 -6.82 14.43
C GLU B 42 9.39 -7.07 13.58
N PHE B 43 8.61 -8.07 13.97
CA PHE B 43 7.47 -8.52 13.20
C PHE B 43 6.23 -8.56 14.08
N GLY B 44 5.07 -8.31 13.50
CA GLY B 44 3.80 -8.58 14.16
C GLY B 44 3.06 -7.35 14.64
N GLY B 45 3.71 -6.19 14.57
CA GLY B 45 3.09 -4.96 15.01
C GLY B 45 2.00 -4.48 14.06
N PRO B 46 1.18 -3.53 14.52
CA PRO B 46 0.23 -2.89 13.60
C PRO B 46 0.90 -1.70 12.91
N TRP B 47 2.23 -1.60 13.06
CA TRP B 47 2.97 -0.42 12.62
C TRP B 47 3.03 -0.21 11.11
N ILE B 48 3.04 -1.29 10.35
CA ILE B 48 3.08 -1.16 8.91
C ILE B 48 1.76 -0.64 8.37
N ASP B 49 0.66 -0.98 9.03
CA ASP B 49 -0.64 -0.47 8.62
C ASP B 49 -0.69 1.04 8.83
N ALA B 50 -0.17 1.48 9.98
CA ALA B 50 -0.13 2.88 10.34
C ALA B 50 0.70 3.69 9.32
N LEU B 51 1.90 3.19 9.04
CA LEU B 51 2.79 3.79 8.03
C LEU B 51 2.10 3.97 6.69
N PHE B 52 1.52 2.90 6.16
CA PHE B 52 0.96 2.95 4.81
C PHE B 52 -0.38 3.68 4.73
N THR B 53 -0.91 4.10 5.87
CA THR B 53 -2.15 4.89 5.90
C THR B 53 -1.91 6.30 6.40
N GLY B 54 -0.64 6.64 6.58
CA GLY B 54 -0.25 7.96 7.04
C GLY B 54 -0.66 8.28 8.46
N THR B 55 -0.80 7.26 9.32
CA THR B 55 -1.21 7.51 10.70
C THR B 55 -0.19 7.17 11.78
N ILE B 56 1.04 6.82 11.40
CA ILE B 56 1.95 6.29 12.41
C ILE B 56 2.28 7.29 13.52
N ASP B 57 2.30 6.80 14.76
CA ASP B 57 2.74 7.57 15.91
C ASP B 57 4.27 7.66 15.90
N PRO B 58 4.80 8.88 15.69
CA PRO B 58 6.24 9.14 15.58
C PRO B 58 6.97 8.88 16.90
N ASN B 59 6.25 9.09 18.00
CA ASN B 59 6.77 8.88 19.35
C ASN B 59 6.64 7.42 19.80
N ALA B 60 6.02 6.58 18.97
CA ALA B 60 5.82 5.19 19.31
C ALA B 60 7.14 4.41 19.37
N HIS B 61 8.11 4.84 18.56
CA HIS B 61 9.43 4.22 18.54
C HIS B 61 10.42 5.19 17.93
N PRO B 62 11.68 5.18 18.43
CA PRO B 62 12.64 6.19 17.95
C PRO B 62 12.88 6.15 16.44
N TYR B 63 12.75 4.99 15.83
CA TYR B 63 12.91 4.90 14.38
C TYR B 63 11.74 5.60 13.67
N PHE B 64 10.60 5.66 14.35
CA PHE B 64 9.39 6.20 13.75
C PHE B 64 9.47 7.69 13.41
N ALA B 65 10.23 8.43 14.20
CA ALA B 65 10.33 9.88 14.06
C ALA B 65 10.86 10.24 12.68
N GLY B 66 11.84 9.48 12.24
CA GLY B 66 12.48 9.67 10.95
C GLY B 66 11.65 9.34 9.72
N ILE B 67 10.62 8.52 9.89
CA ILE B 67 9.80 8.13 8.75
C ILE B 67 8.38 8.73 8.80
N ALA B 68 8.00 9.26 9.95
CA ALA B 68 6.74 9.96 10.06
C ALA B 68 6.61 10.93 8.89
N HIS B 69 7.75 11.42 8.41
CA HIS B 69 7.78 12.44 7.37
C HIS B 69 7.54 11.93 5.95
N LEU B 70 7.45 10.60 5.81
CA LEU B 70 7.25 9.99 4.50
C LEU B 70 5.76 9.83 4.21
N ARG B 71 5.39 9.95 2.94
CA ARG B 71 4.07 9.55 2.48
C ARG B 71 4.26 8.36 1.55
N VAL B 72 4.14 7.14 2.07
CA VAL B 72 4.33 5.98 1.21
C VAL B 72 3.18 4.99 1.38
N SER B 73 3.21 3.90 0.62
CA SER B 73 2.24 2.82 0.71
C SER B 73 2.71 1.71 -0.21
N ALA B 74 1.98 0.60 -0.23
CA ALA B 74 2.16 -0.42 -1.26
C ALA B 74 0.81 -1.00 -1.55
N HIS B 75 0.71 -1.76 -2.64
CA HIS B 75 -0.55 -2.40 -2.98
C HIS B 75 -0.91 -3.45 -1.95
N CYS B 76 0.06 -4.28 -1.59
CA CYS B 76 -0.17 -5.32 -0.59
C CYS B 76 0.98 -5.46 0.41
N LEU B 77 0.65 -6.08 1.53
CA LEU B 77 1.64 -6.59 2.47
C LEU B 77 1.30 -8.04 2.74
N ILE B 78 2.32 -8.88 2.83
CA ILE B 78 2.10 -10.27 3.23
C ILE B 78 2.82 -10.56 4.56
N ARG B 79 2.07 -10.84 5.62
CA ARG B 79 2.70 -11.03 6.92
C ARG B 79 3.28 -12.43 7.07
N ARG B 80 4.03 -12.63 8.14
CA ARG B 80 4.81 -13.85 8.29
C ARG B 80 3.91 -15.06 8.30
N ASP B 81 2.68 -14.89 8.77
CA ASP B 81 1.78 -16.03 8.80
C ASP B 81 1.08 -16.24 7.47
N GLY B 82 1.42 -15.42 6.49
CA GLY B 82 0.85 -15.54 5.17
C GLY B 82 -0.36 -14.64 4.99
N GLU B 83 -0.69 -13.89 6.03
CA GLU B 83 -1.83 -12.97 5.96
C GLU B 83 -1.59 -11.87 4.93
N ILE B 84 -2.58 -11.70 4.06
CA ILE B 84 -2.54 -10.68 3.01
C ILE B 84 -3.43 -9.50 3.33
N VAL B 85 -2.80 -8.33 3.38
CA VAL B 85 -3.50 -7.08 3.62
C VAL B 85 -3.30 -6.18 2.43
N GLN B 86 -4.39 -5.77 1.80
CA GLN B 86 -4.32 -4.82 0.68
C GLN B 86 -4.71 -3.44 1.16
N TYR B 87 -3.94 -2.44 0.71
CA TYR B 87 -4.14 -1.04 1.04
C TYR B 87 -4.58 -0.22 -0.17
N VAL B 88 -4.21 -0.67 -1.37
CA VAL B 88 -4.44 0.13 -2.57
C VAL B 88 -4.89 -0.76 -3.72
N PRO B 89 -5.88 -0.29 -4.49
CA PRO B 89 -6.38 -1.11 -5.62
C PRO B 89 -5.33 -1.27 -6.72
N PHE B 90 -5.22 -2.47 -7.30
CA PHE B 90 -4.19 -2.73 -8.30
C PHE B 90 -4.23 -1.75 -9.47
N ASP B 91 -5.42 -1.31 -9.85
CA ASP B 91 -5.53 -0.34 -10.93
C ASP B 91 -5.08 1.05 -10.50
N LYS B 92 -4.84 1.23 -9.21
CA LYS B 92 -4.42 2.53 -8.69
C LYS B 92 -2.92 2.59 -8.42
N ARG B 93 -2.41 3.80 -8.20
CA ARG B 93 -0.97 3.98 -8.07
C ARG B 93 -0.54 4.05 -6.62
N ALA B 94 0.11 2.98 -6.13
CA ALA B 94 0.66 3.00 -4.79
C ALA B 94 2.03 3.69 -4.79
N TRP B 95 2.51 4.08 -3.61
CA TRP B 95 3.71 4.92 -3.48
C TRP B 95 4.85 4.12 -2.80
N HIS B 96 5.39 3.15 -3.53
CA HIS B 96 6.34 2.15 -2.98
C HIS B 96 7.78 2.22 -3.51
N ALA B 97 7.96 2.49 -4.80
CA ALA B 97 9.26 2.28 -5.44
C ALA B 97 10.21 3.49 -5.38
N GLY B 98 9.66 4.70 -5.25
CA GLY B 98 10.46 5.91 -5.17
C GLY B 98 11.27 6.16 -6.43
N VAL B 99 12.36 6.90 -6.31
CA VAL B 99 13.27 7.13 -7.45
C VAL B 99 13.72 5.79 -7.99
N SER B 100 13.35 5.48 -9.23
CA SER B 100 13.55 4.13 -9.74
C SER B 100 13.62 4.08 -11.28
N SER B 101 14.08 2.95 -11.80
CA SER B 101 14.22 2.75 -13.26
C SER B 101 14.16 1.27 -13.60
N TYR B 102 13.41 0.93 -14.65
CA TYR B 102 13.31 -0.44 -15.12
C TYR B 102 13.31 -0.44 -16.65
N GLN B 103 14.34 -1.04 -17.25
CA GLN B 103 14.45 -1.16 -18.70
C GLN B 103 14.26 0.17 -19.43
N GLY B 104 14.87 1.22 -18.90
CA GLY B 104 14.86 2.52 -19.55
C GLY B 104 13.76 3.47 -19.11
N ARG B 105 12.83 2.98 -18.30
CA ARG B 105 11.70 3.80 -17.86
C ARG B 105 11.70 4.13 -16.36
N GLU B 106 11.63 5.41 -16.03
CA GLU B 106 11.71 5.85 -14.64
C GLU B 106 10.33 5.90 -13.98
N ARG B 107 10.31 6.33 -12.72
CA ARG B 107 9.08 6.41 -11.94
C ARG B 107 8.25 5.11 -12.04
N CYS B 108 8.83 4.04 -11.52
CA CYS B 108 8.25 2.73 -11.66
C CYS B 108 6.92 2.60 -10.95
N ASN B 109 6.57 3.52 -10.05
CA ASN B 109 5.24 3.45 -9.42
C ASN B 109 4.15 3.44 -10.47
N ASP B 110 4.29 4.29 -11.47
CA ASP B 110 3.26 4.41 -12.50
C ASP B 110 2.79 3.09 -13.07
N PHE B 111 3.73 2.17 -13.32
CA PHE B 111 3.37 0.98 -14.11
C PHE B 111 3.61 -0.32 -13.34
N SER B 112 3.81 -0.21 -12.03
CA SER B 112 4.09 -1.41 -11.23
C SER B 112 3.09 -1.62 -10.10
N ILE B 113 3.02 -2.86 -9.65
CA ILE B 113 2.31 -3.19 -8.43
C ILE B 113 3.34 -3.58 -7.38
N GLY B 114 3.26 -2.96 -6.19
CA GLY B 114 4.25 -3.22 -5.16
C GLY B 114 3.79 -4.15 -4.04
N ILE B 115 4.44 -5.30 -3.89
CA ILE B 115 4.06 -6.25 -2.86
C ILE B 115 5.15 -6.34 -1.80
N GLU B 116 4.77 -6.05 -0.57
CA GLU B 116 5.70 -6.00 0.56
C GLU B 116 5.68 -7.29 1.37
N LEU B 117 6.85 -7.87 1.61
CA LEU B 117 6.95 -9.07 2.43
C LEU B 117 7.51 -8.72 3.79
N GLU B 118 6.71 -8.94 4.84
CA GLU B 118 7.25 -8.82 6.19
C GLU B 118 8.50 -9.67 6.37
N GLY B 119 9.63 -8.99 6.54
CA GLY B 119 10.91 -9.67 6.68
C GLY B 119 12.12 -8.77 6.58
N THR B 120 13.29 -9.39 6.39
CA THR B 120 14.55 -8.67 6.31
C THR B 120 15.41 -9.29 5.20
N ASP B 121 16.47 -8.57 4.81
CA ASP B 121 17.34 -9.00 3.71
C ASP B 121 18.15 -10.28 3.94
N THR B 122 18.17 -10.78 5.17
CA THR B 122 19.07 -11.86 5.51
C THR B 122 18.36 -13.04 6.16
N LEU B 123 17.16 -12.81 6.68
CA LEU B 123 16.37 -13.87 7.30
C LEU B 123 15.47 -14.55 6.29
N ALA B 124 15.44 -15.88 6.32
CA ALA B 124 14.53 -16.63 5.46
C ALA B 124 13.11 -16.08 5.58
N TYR B 125 12.40 -16.00 4.46
CA TYR B 125 10.97 -15.71 4.50
C TYR B 125 10.22 -17.00 4.88
N THR B 126 8.93 -16.93 5.19
CA THR B 126 8.15 -18.12 5.62
C THR B 126 7.58 -18.89 4.43
N ASP B 127 7.24 -20.16 4.63
CA ASP B 127 6.66 -20.95 3.54
C ASP B 127 5.34 -20.30 3.15
N ALA B 128 4.55 -19.99 4.16
CA ALA B 128 3.32 -19.24 3.96
C ALA B 128 3.57 -18.04 3.03
N GLN B 129 4.62 -17.27 3.29
CA GLN B 129 4.89 -16.11 2.43
C GLN B 129 5.13 -16.46 0.96
N TYR B 130 5.79 -17.58 0.69
CA TYR B 130 5.97 -18.04 -0.70
C TYR B 130 4.66 -18.50 -1.34
N GLN B 131 3.97 -19.43 -0.70
CA GLN B 131 2.66 -19.86 -1.15
C GLN B 131 1.73 -18.68 -1.46
N GLN B 132 1.70 -17.69 -0.58
CA GLN B 132 0.74 -16.59 -0.74
C GLN B 132 1.19 -15.57 -1.78
N LEU B 133 2.50 -15.32 -1.83
CA LEU B 133 3.02 -14.43 -2.85
C LEU B 133 2.76 -15.04 -4.23
N ALA B 134 2.79 -16.36 -4.29
CA ALA B 134 2.46 -17.05 -5.53
C ALA B 134 1.01 -16.81 -5.89
N ALA B 135 0.11 -17.10 -4.95
CA ALA B 135 -1.32 -16.94 -5.16
C ALA B 135 -1.67 -15.54 -5.64
N VAL B 136 -1.15 -14.53 -4.96
CA VAL B 136 -1.36 -13.15 -5.38
C VAL B 136 -0.88 -12.95 -6.83
N THR B 137 0.38 -13.30 -7.08
CA THR B 137 1.02 -13.10 -8.38
C THR B 137 0.26 -13.77 -9.53
N ASN B 138 -0.09 -15.04 -9.36
CA ASN B 138 -0.87 -15.74 -10.35
C ASN B 138 -2.17 -15.01 -10.61
N ALA B 139 -2.90 -14.70 -9.54
CA ALA B 139 -4.11 -13.90 -9.64
C ALA B 139 -3.87 -12.68 -10.51
N LEU B 140 -2.74 -12.00 -10.29
CA LEU B 140 -2.39 -10.83 -11.08
C LEU B 140 -2.12 -11.17 -12.55
N ILE B 141 -1.29 -12.19 -12.77
CA ILE B 141 -0.90 -12.60 -14.13
C ILE B 141 -2.15 -12.79 -14.96
N THR B 142 -3.18 -13.36 -14.34
CA THR B 142 -4.42 -13.68 -15.02
C THR B 142 -5.02 -12.42 -15.66
N ARG B 143 -5.03 -11.32 -14.92
CA ARG B 143 -5.52 -10.04 -15.40
C ARG B 143 -4.48 -9.25 -16.18
N TYR B 144 -3.25 -9.25 -15.69
CA TYR B 144 -2.18 -8.46 -16.29
C TYR B 144 -1.04 -9.35 -16.77
N PRO B 145 -1.22 -10.06 -17.89
CA PRO B 145 -0.29 -11.14 -18.26
C PRO B 145 1.16 -10.69 -18.43
N ALA B 146 1.36 -9.44 -18.79
CA ALA B 146 2.71 -8.90 -18.96
C ALA B 146 3.55 -9.14 -17.70
N ILE B 147 2.90 -9.15 -16.53
CA ILE B 147 3.60 -9.36 -15.26
C ILE B 147 4.43 -10.64 -15.26
N ALA B 148 3.91 -11.70 -15.88
CA ALA B 148 4.63 -12.97 -15.96
C ALA B 148 6.07 -12.77 -16.43
N ASN B 149 6.28 -11.73 -17.21
CA ASN B 149 7.56 -11.45 -17.84
C ASN B 149 8.35 -10.39 -17.07
N ASN B 150 7.70 -9.79 -16.08
CA ASN B 150 8.31 -8.68 -15.37
C ASN B 150 8.11 -8.82 -13.88
N MET B 151 8.99 -9.58 -13.23
CA MET B 151 8.97 -9.66 -11.78
C MET B 151 10.35 -9.44 -11.24
N THR B 152 10.46 -8.47 -10.33
CA THR B 152 11.74 -7.93 -9.93
C THR B 152 11.69 -7.47 -8.47
N GLY B 153 12.85 -7.25 -7.88
CA GLY B 153 12.94 -6.77 -6.51
C GLY B 153 13.17 -5.27 -6.49
N HIS B 154 12.92 -4.63 -5.36
CA HIS B 154 13.14 -3.20 -5.27
C HIS B 154 14.61 -2.92 -5.62
N CYS B 155 15.48 -3.82 -5.17
CA CYS B 155 16.90 -3.57 -5.28
C CYS B 155 17.30 -3.49 -6.75
N ASN B 156 16.52 -4.12 -7.63
CA ASN B 156 16.86 -4.19 -9.06
C ASN B 156 16.47 -2.95 -9.89
N ILE B 157 15.48 -2.22 -9.40
CA ILE B 157 15.03 -1.02 -10.06
C ILE B 157 15.59 0.21 -9.39
N ALA B 158 16.10 0.03 -8.17
CA ALA B 158 16.72 1.12 -7.43
C ALA B 158 18.05 0.66 -6.85
N PRO B 159 19.00 0.32 -7.74
CA PRO B 159 20.33 -0.11 -7.29
C PRO B 159 21.04 1.01 -6.53
N GLU B 160 21.91 0.65 -5.60
CA GLU B 160 22.64 1.64 -4.82
C GLU B 160 21.71 2.64 -4.13
N ARG B 161 20.46 2.23 -3.95
CA ARG B 161 19.57 2.98 -3.07
C ARG B 161 18.79 2.01 -2.18
N LYS B 162 18.32 0.90 -2.75
CA LYS B 162 17.54 -0.07 -1.99
C LYS B 162 18.18 -1.46 -2.06
N THR B 163 17.96 -2.25 -1.04
CA THR B 163 18.52 -3.60 -0.98
C THR B 163 17.44 -4.66 -0.77
N ASP B 164 16.18 -4.22 -0.58
CA ASP B 164 15.04 -5.15 -0.48
C ASP B 164 14.67 -5.74 -1.84
N PRO B 165 14.27 -7.03 -1.86
CA PRO B 165 14.00 -7.88 -0.70
C PRO B 165 15.24 -8.67 -0.26
N GLY B 166 16.38 -8.36 -0.86
CA GLY B 166 17.64 -8.89 -0.39
C GLY B 166 17.87 -10.35 -0.70
N PRO B 167 19.06 -10.85 -0.35
CA PRO B 167 19.48 -12.21 -0.73
C PRO B 167 18.52 -13.28 -0.21
N SER B 168 17.88 -12.99 0.93
CA SER B 168 16.92 -13.91 1.54
C SER B 168 15.77 -14.31 0.63
N PHE B 169 15.46 -13.49 -0.38
CA PHE B 169 14.33 -13.80 -1.27
C PHE B 169 14.67 -14.81 -2.38
N ASP B 170 14.33 -16.06 -2.13
CA ASP B 170 14.62 -17.16 -3.04
C ASP B 170 13.76 -17.09 -4.30
N TRP B 171 14.30 -16.49 -5.36
CA TRP B 171 13.57 -16.45 -6.63
C TRP B 171 13.26 -17.83 -7.20
N ALA B 172 14.04 -18.83 -6.83
CA ALA B 172 13.76 -20.17 -7.33
C ALA B 172 12.49 -20.73 -6.68
N ARG B 173 12.44 -20.64 -5.36
CA ARG B 173 11.24 -20.99 -4.62
C ARG B 173 9.99 -20.34 -5.23
N PHE B 174 10.04 -19.02 -5.32
CA PHE B 174 8.89 -18.22 -5.74
C PHE B 174 8.46 -18.51 -7.18
N ARG B 175 9.42 -18.72 -8.08
CA ARG B 175 9.10 -18.97 -9.48
C ARG B 175 8.48 -20.35 -9.72
N ALA B 176 8.89 -21.28 -8.88
CA ALA B 176 8.36 -22.63 -8.95
C ALA B 176 6.85 -22.61 -8.67
N LEU B 177 6.41 -21.61 -7.92
CA LEU B 177 4.99 -21.51 -7.57
C LEU B 177 4.18 -20.69 -8.56
N VAL B 178 4.87 -19.89 -9.38
CA VAL B 178 4.23 -19.02 -10.37
C VAL B 178 3.90 -19.75 -11.69
N THR B 179 2.80 -19.33 -12.33
CA THR B 179 2.33 -19.88 -13.61
C THR B 179 2.80 -21.31 -13.87
N MET C 1 20.48 41.83 -15.93
CA MET C 1 19.66 42.78 -16.66
C MET C 1 19.65 44.18 -16.06
N LEU C 2 18.47 44.57 -15.59
CA LEU C 2 18.20 45.92 -15.12
C LEU C 2 18.15 45.97 -13.60
N LEU C 3 19.01 46.78 -12.99
CA LEU C 3 19.12 46.81 -11.54
C LEU C 3 18.76 48.17 -10.94
N ASP C 4 17.61 48.24 -10.27
CA ASP C 4 17.13 49.49 -9.70
C ASP C 4 17.92 49.84 -8.46
N GLU C 5 17.25 50.50 -7.51
CA GLU C 5 17.83 50.77 -6.22
C GLU C 5 17.97 49.46 -5.46
N GLY C 6 18.61 48.48 -6.10
CA GLY C 6 18.87 47.19 -5.48
C GLY C 6 17.91 46.08 -5.88
N TRP C 7 17.08 46.32 -6.89
CA TRP C 7 16.09 45.32 -7.24
C TRP C 7 16.20 44.78 -8.67
N LEU C 8 15.38 43.77 -8.95
CA LEU C 8 15.15 43.30 -10.30
C LEU C 8 13.79 43.85 -10.71
N ALA C 9 13.77 44.62 -11.79
CA ALA C 9 12.52 45.20 -12.28
C ALA C 9 11.55 44.13 -12.74
N GLU C 10 12.08 42.98 -13.15
CA GLU C 10 11.26 41.92 -13.73
C GLU C 10 10.97 40.79 -12.76
N ALA C 11 11.17 41.03 -11.47
CA ALA C 11 10.89 40.02 -10.46
C ALA C 11 9.57 40.31 -9.71
N ARG C 12 9.18 39.40 -8.82
CA ARG C 12 8.01 39.64 -7.97
C ARG C 12 8.44 40.06 -6.58
N ARG C 13 8.15 41.30 -6.21
CA ARG C 13 8.64 41.84 -4.96
C ARG C 13 7.86 41.39 -3.74
N VAL C 14 8.57 40.79 -2.78
CA VAL C 14 7.99 40.53 -1.48
C VAL C 14 8.79 41.32 -0.44
N PRO C 15 8.33 42.55 -0.16
CA PRO C 15 8.98 43.38 0.87
C PRO C 15 9.02 42.69 2.22
N SER C 16 10.12 41.97 2.47
CA SER C 16 10.37 41.36 3.78
C SER C 16 10.92 42.40 4.73
N PRO C 17 10.49 42.36 6.01
CA PRO C 17 11.14 43.21 7.01
C PRO C 17 12.52 42.66 7.36
N HIS C 18 12.83 41.45 6.89
CA HIS C 18 14.02 40.75 7.34
C HIS C 18 15.30 41.22 6.65
N TYR C 19 15.59 42.50 6.72
CA TYR C 19 16.84 43.01 6.17
C TYR C 19 17.40 44.22 6.93
N ASP C 20 18.71 44.45 6.80
CA ASP C 20 19.35 45.62 7.44
C ASP C 20 20.59 46.10 6.68
N CYS C 21 21.35 47.01 7.30
CA CYS C 21 22.50 47.61 6.63
C CYS C 21 23.74 46.74 6.61
N ARG C 22 24.33 46.59 5.43
CA ARG C 22 25.64 45.97 5.33
C ARG C 22 26.67 46.85 6.07
N PRO C 23 27.49 46.24 6.94
CA PRO C 23 28.38 46.96 7.85
C PRO C 23 29.26 47.99 7.17
N ASP C 24 29.20 49.23 7.66
CA ASP C 24 29.82 50.40 7.03
C ASP C 24 29.51 50.50 5.53
N ASP C 25 28.31 50.06 5.16
CA ASP C 25 27.81 50.18 3.79
C ASP C 25 28.78 49.61 2.76
N GLU C 26 29.48 48.53 3.12
CA GLU C 26 30.30 47.80 2.16
C GLU C 26 29.39 47.20 1.10
N ASN C 27 29.82 47.31 -0.16
CA ASN C 27 29.12 46.71 -1.26
C ASN C 27 29.40 45.22 -1.31
N PRO C 28 28.39 44.42 -1.66
CA PRO C 28 28.51 42.96 -1.70
C PRO C 28 29.56 42.48 -2.71
N SER C 29 30.33 41.44 -2.34
CA SER C 29 31.36 40.92 -3.22
C SER C 29 31.24 39.43 -3.50
N LEU C 30 30.24 38.78 -2.93
CA LEU C 30 30.11 37.31 -3.05
C LEU C 30 28.66 36.81 -3.19
N LEU C 31 28.40 36.07 -4.26
CA LEU C 31 27.11 35.41 -4.41
C LEU C 31 27.15 34.02 -3.79
N VAL C 32 26.20 33.75 -2.90
CA VAL C 32 26.09 32.44 -2.25
C VAL C 32 24.80 31.76 -2.71
N VAL C 33 24.92 30.52 -3.19
CA VAL C 33 23.79 29.77 -3.75
C VAL C 33 23.18 28.81 -2.72
N HIS C 34 21.86 28.93 -2.52
CA HIS C 34 21.12 28.14 -1.52
C HIS C 34 20.10 27.24 -2.21
N ASN C 35 19.56 26.26 -1.48
CA ASN C 35 18.30 25.64 -1.91
C ASN C 35 17.27 25.55 -0.79
N ILE C 36 15.99 25.47 -1.17
CA ILE C 36 14.91 25.39 -0.20
C ILE C 36 13.64 24.83 -0.82
N SER C 37 12.86 24.13 0.00
CA SER C 37 11.51 23.70 -0.36
C SER C 37 10.73 23.44 0.91
N LEU C 38 9.51 23.99 0.99
CA LEU C 38 8.65 23.83 2.16
C LEU C 38 7.19 23.57 1.77
N PRO C 39 6.64 22.44 2.21
CA PRO C 39 7.33 21.40 2.98
C PRO C 39 8.55 20.87 2.22
N PRO C 40 9.60 20.43 2.94
CA PRO C 40 10.80 19.96 2.24
C PRO C 40 10.43 18.88 1.24
N GLY C 41 10.82 19.05 -0.02
CA GLY C 41 10.43 18.10 -1.06
C GLY C 41 9.20 18.47 -1.88
N GLU C 42 8.56 19.59 -1.52
CA GLU C 42 7.38 20.09 -2.23
C GLU C 42 7.58 21.52 -2.76
N PHE C 43 6.99 21.82 -3.91
CA PHE C 43 7.22 23.13 -4.54
C PHE C 43 5.95 23.88 -4.92
N GLY C 44 6.08 25.19 -5.12
CA GLY C 44 4.96 26.02 -5.57
C GLY C 44 4.19 26.68 -4.44
N GLY C 45 4.25 26.11 -3.25
CA GLY C 45 3.55 26.64 -2.11
C GLY C 45 3.95 28.07 -1.79
N PRO C 46 3.18 28.72 -0.89
CA PRO C 46 3.45 30.10 -0.47
C PRO C 46 4.32 30.19 0.78
N TRP C 47 4.76 29.06 1.33
CA TRP C 47 5.43 29.04 2.64
C TRP C 47 6.87 29.56 2.64
N ILE C 48 7.56 29.45 1.51
CA ILE C 48 8.86 30.11 1.36
C ILE C 48 8.68 31.61 1.57
N ASP C 49 7.80 32.23 0.77
CA ASP C 49 7.50 33.64 0.94
C ASP C 49 7.35 33.93 2.43
N ALA C 50 6.46 33.20 3.10
CA ALA C 50 6.11 33.46 4.49
C ALA C 50 7.30 33.33 5.45
N LEU C 51 8.09 32.25 5.32
CA LEU C 51 9.30 32.15 6.12
C LEU C 51 10.16 33.41 5.96
N PHE C 52 10.38 33.82 4.72
CA PHE C 52 11.31 34.93 4.45
C PHE C 52 10.77 36.29 4.90
N THR C 53 9.47 36.35 5.16
CA THR C 53 8.87 37.58 5.72
C THR C 53 8.79 37.55 7.25
N GLY C 54 8.94 36.36 7.83
CA GLY C 54 8.82 36.18 9.27
C GLY C 54 7.40 35.89 9.77
N THR C 55 6.52 35.48 8.86
CA THR C 55 5.12 35.23 9.19
C THR C 55 4.71 33.76 9.07
N ILE C 56 5.66 32.87 8.80
CA ILE C 56 5.30 31.48 8.61
C ILE C 56 4.45 30.94 9.75
N ASP C 57 3.47 30.11 9.42
CA ASP C 57 2.57 29.53 10.41
C ASP C 57 3.01 28.14 10.87
N PRO C 58 3.50 28.05 12.12
CA PRO C 58 4.01 26.84 12.76
C PRO C 58 3.06 25.63 12.73
N ASN C 59 1.76 25.87 12.58
CA ASN C 59 0.76 24.81 12.67
C ASN C 59 0.37 24.26 11.30
N ALA C 60 0.79 24.96 10.25
CA ALA C 60 0.53 24.56 8.86
C ALA C 60 1.30 23.29 8.42
N HIS C 61 2.21 22.81 9.27
CA HIS C 61 3.05 21.66 8.94
C HIS C 61 4.04 21.35 10.06
N PRO C 62 4.16 20.06 10.43
CA PRO C 62 5.05 19.66 11.53
C PRO C 62 6.45 20.23 11.38
N TYR C 63 6.89 20.46 10.14
CA TYR C 63 8.26 20.92 9.88
C TYR C 63 8.46 22.42 9.99
N PHE C 64 7.40 23.19 9.82
CA PHE C 64 7.48 24.65 9.91
C PHE C 64 7.68 25.04 11.36
N ALA C 65 7.39 24.11 12.25
CA ALA C 65 7.40 24.39 13.68
C ALA C 65 8.81 24.35 14.23
N GLY C 66 9.62 23.47 13.68
CA GLY C 66 11.03 23.41 14.01
C GLY C 66 11.83 24.59 13.50
N ILE C 67 11.25 25.35 12.57
CA ILE C 67 11.93 26.51 11.97
C ILE C 67 11.20 27.85 12.15
N ALA C 68 9.96 27.80 12.63
CA ALA C 68 9.19 29.00 12.90
C ALA C 68 9.91 30.03 13.79
N HIS C 69 10.77 29.55 14.67
CA HIS C 69 11.49 30.42 15.62
C HIS C 69 12.63 31.22 14.97
N LEU C 70 12.86 30.99 13.69
CA LEU C 70 13.95 31.65 13.01
C LEU C 70 13.53 33.02 12.53
N ARG C 71 14.52 33.80 12.14
CA ARG C 71 14.35 35.15 11.61
C ARG C 71 15.32 35.21 10.45
N VAL C 72 14.91 34.72 9.28
CA VAL C 72 15.82 34.60 8.15
C VAL C 72 15.19 35.09 6.85
N SER C 73 16.06 35.41 5.90
CA SER C 73 15.65 35.86 4.59
C SER C 73 16.78 35.55 3.61
N ALA C 74 16.49 35.59 2.31
CA ALA C 74 17.50 35.55 1.27
C ALA C 74 17.11 36.54 0.17
N HIS C 75 18.09 37.12 -0.51
CA HIS C 75 17.76 38.21 -1.43
C HIS C 75 16.67 37.83 -2.44
N CYS C 76 16.80 36.66 -3.05
CA CYS C 76 15.88 36.28 -4.11
C CYS C 76 15.65 34.78 -4.16
N LEU C 77 14.54 34.39 -4.77
CA LEU C 77 14.24 32.97 -4.96
C LEU C 77 13.90 32.72 -6.41
N ILE C 78 14.45 31.64 -6.96
CA ILE C 78 14.11 31.25 -8.30
C ILE C 78 13.31 29.96 -8.28
N ARG C 79 12.04 30.07 -8.62
CA ARG C 79 11.14 28.94 -8.49
C ARG C 79 11.39 27.94 -9.62
N ARG C 80 10.76 26.77 -9.48
CA ARG C 80 10.99 25.66 -10.41
C ARG C 80 10.71 26.05 -11.86
N ASP C 81 9.78 26.98 -12.05
CA ASP C 81 9.31 27.31 -13.38
C ASP C 81 10.09 28.47 -13.97
N GLY C 82 11.01 29.05 -13.19
CA GLY C 82 11.80 30.18 -13.65
C GLY C 82 11.40 31.48 -12.95
N GLU C 83 10.26 31.47 -12.29
CA GLU C 83 9.78 32.66 -11.60
C GLU C 83 10.80 33.22 -10.60
N ILE C 84 11.14 34.52 -10.76
CA ILE C 84 12.05 35.20 -9.83
C ILE C 84 11.29 36.01 -8.77
N VAL C 85 11.43 35.63 -7.50
CA VAL C 85 10.84 36.39 -6.39
C VAL C 85 11.97 37.09 -5.64
N GLN C 86 11.78 38.37 -5.31
CA GLN C 86 12.83 39.10 -4.59
C GLN C 86 12.37 39.73 -3.26
N TYR C 87 13.11 39.40 -2.22
CA TYR C 87 12.72 39.73 -0.85
C TYR C 87 13.40 40.98 -0.28
N VAL C 88 14.59 41.27 -0.79
CA VAL C 88 15.47 42.29 -0.24
C VAL C 88 16.27 43.00 -1.36
N PRO C 89 16.40 44.33 -1.25
CA PRO C 89 17.34 45.00 -2.16
C PRO C 89 18.72 44.35 -2.07
N PHE C 90 19.48 44.35 -3.16
CA PHE C 90 20.79 43.71 -3.19
C PHE C 90 21.86 44.44 -2.35
N ASP C 91 21.77 45.77 -2.26
CA ASP C 91 22.78 46.55 -1.53
C ASP C 91 22.67 46.38 -0.01
N LYS C 92 21.58 45.75 0.43
CA LYS C 92 21.34 45.56 1.85
C LYS C 92 21.67 44.14 2.32
N ARG C 93 21.80 43.98 3.64
CA ARG C 93 22.17 42.70 4.23
C ARG C 93 20.95 41.80 4.47
N ALA C 94 20.87 40.70 3.72
CA ALA C 94 19.86 39.66 3.93
C ALA C 94 20.31 38.71 5.04
N TRP C 95 19.38 38.00 5.65
CA TRP C 95 19.76 37.07 6.72
C TRP C 95 19.76 35.61 6.24
N HIS C 96 20.79 35.25 5.45
CA HIS C 96 20.80 33.97 4.76
C HIS C 96 21.99 33.06 5.09
N ALA C 97 23.17 33.64 5.29
CA ALA C 97 24.38 32.83 5.46
C ALA C 97 24.54 32.22 6.87
N GLY C 98 24.18 33.00 7.89
CA GLY C 98 24.29 32.58 9.29
C GLY C 98 25.74 32.41 9.71
N VAL C 99 25.97 31.49 10.65
CA VAL C 99 27.33 31.17 11.11
C VAL C 99 28.15 30.62 9.95
N SER C 100 28.99 31.46 9.39
CA SER C 100 29.65 31.10 8.14
C SER C 100 31.01 31.77 8.00
N SER C 101 31.83 31.23 7.10
CA SER C 101 33.15 31.82 6.88
C SER C 101 33.68 31.56 5.46
N TYR C 102 34.16 32.63 4.85
CA TYR C 102 34.71 32.58 3.51
C TYR C 102 36.06 33.27 3.55
N GLN C 103 37.07 32.66 2.95
CA GLN C 103 38.40 33.25 2.89
C GLN C 103 38.82 33.91 4.21
N GLY C 104 38.39 33.31 5.33
CA GLY C 104 38.82 33.73 6.65
C GLY C 104 37.91 34.71 7.38
N ARG C 105 37.01 35.34 6.63
CA ARG C 105 36.17 36.41 7.15
C ARG C 105 34.77 35.88 7.48
N GLU C 106 34.38 35.95 8.77
CA GLU C 106 33.13 35.34 9.25
C GLU C 106 31.88 36.16 8.90
N ARG C 107 30.71 35.65 9.25
CA ARG C 107 29.45 36.37 9.04
C ARG C 107 29.29 36.77 7.58
N CYS C 108 29.02 35.80 6.72
CA CYS C 108 29.06 36.05 5.29
C CYS C 108 27.88 36.86 4.76
N ASN C 109 26.89 37.06 5.63
CA ASN C 109 25.78 37.96 5.35
C ASN C 109 26.28 39.36 4.94
N ASP C 110 27.17 39.92 5.76
CA ASP C 110 27.73 41.24 5.51
C ASP C 110 28.04 41.52 4.04
N PHE C 111 28.91 40.71 3.45
CA PHE C 111 29.43 41.03 2.13
C PHE C 111 28.85 40.20 0.98
N SER C 112 27.78 39.47 1.24
CA SER C 112 27.29 38.52 0.24
C SER C 112 25.83 38.70 -0.15
N ILE C 113 25.51 38.28 -1.35
CA ILE C 113 24.13 38.18 -1.77
C ILE C 113 23.72 36.74 -1.64
N GLY C 114 22.45 36.50 -1.35
CA GLY C 114 21.94 35.15 -1.22
C GLY C 114 20.85 34.92 -2.23
N ILE C 115 21.00 33.87 -3.03
CA ILE C 115 20.02 33.50 -4.03
C ILE C 115 19.53 32.08 -3.78
N GLU C 116 18.26 31.95 -3.42
CA GLU C 116 17.67 30.64 -3.11
C GLU C 116 17.14 29.94 -4.35
N LEU C 117 17.55 28.69 -4.57
CA LEU C 117 16.97 27.85 -5.61
C LEU C 117 15.90 26.91 -5.01
N GLU C 118 14.62 27.13 -5.34
CA GLU C 118 13.58 26.18 -4.95
C GLU C 118 13.95 24.78 -5.47
N GLY C 119 14.08 23.81 -4.55
CA GLY C 119 14.49 22.46 -4.92
C GLY C 119 15.09 21.70 -3.75
N THR C 120 15.86 20.67 -4.05
CA THR C 120 16.51 19.86 -3.00
C THR C 120 17.91 19.37 -3.40
N ASP C 121 18.67 18.92 -2.42
CA ASP C 121 20.07 18.55 -2.61
C ASP C 121 20.25 17.41 -3.62
N THR C 122 19.18 16.66 -3.86
CA THR C 122 19.30 15.37 -4.53
C THR C 122 18.45 15.26 -5.79
N LEU C 123 17.70 16.32 -6.10
CA LEU C 123 16.91 16.33 -7.30
C LEU C 123 17.43 17.46 -8.18
N ALA C 124 17.65 17.17 -9.46
CA ALA C 124 18.24 18.15 -10.34
C ALA C 124 17.28 19.31 -10.44
N TYR C 125 17.83 20.49 -10.62
CA TYR C 125 16.99 21.67 -10.77
C TYR C 125 16.49 21.66 -12.22
N THR C 126 15.54 22.54 -12.52
CA THR C 126 14.89 22.60 -13.81
C THR C 126 15.70 23.45 -14.80
N ASP C 127 15.41 23.29 -16.10
CA ASP C 127 16.05 24.07 -17.15
C ASP C 127 15.88 25.57 -16.88
N ALA C 128 14.65 25.96 -16.57
CA ALA C 128 14.32 27.37 -16.37
C ALA C 128 15.11 27.95 -15.22
N GLN C 129 15.43 27.11 -14.23
CA GLN C 129 16.17 27.56 -13.05
C GLN C 129 17.63 27.89 -13.36
N TYR C 130 18.27 27.10 -14.21
CA TYR C 130 19.63 27.42 -14.63
C TYR C 130 19.67 28.74 -15.41
N GLN C 131 18.85 28.83 -16.45
CA GLN C 131 18.77 30.04 -17.28
C GLN C 131 18.49 31.29 -16.43
N GLN C 132 17.72 31.11 -15.37
CA GLN C 132 17.33 32.26 -14.53
C GLN C 132 18.43 32.64 -13.53
N LEU C 133 19.01 31.64 -12.87
CA LEU C 133 20.07 31.93 -11.90
C LEU C 133 21.19 32.68 -12.60
N ALA C 134 21.47 32.28 -13.84
CA ALA C 134 22.52 32.90 -14.66
C ALA C 134 22.10 34.29 -15.06
N ALA C 135 20.82 34.46 -15.36
CA ALA C 135 20.29 35.76 -15.79
C ALA C 135 20.53 36.82 -14.73
N VAL C 136 20.30 36.45 -13.48
CA VAL C 136 20.42 37.39 -12.37
C VAL C 136 21.86 37.68 -12.01
N THR C 137 22.70 36.64 -12.03
CA THR C 137 24.10 36.75 -11.61
C THR C 137 24.87 37.70 -12.54
N ASN C 138 24.56 37.67 -13.83
CA ASN C 138 25.12 38.62 -14.79
C ASN C 138 24.74 40.05 -14.44
N ALA C 139 23.46 40.25 -14.17
CA ALA C 139 22.96 41.52 -13.68
C ALA C 139 23.80 42.00 -12.50
N LEU C 140 23.96 41.12 -11.52
CA LEU C 140 24.65 41.41 -10.27
C LEU C 140 26.15 41.68 -10.46
N ILE C 141 26.71 41.10 -11.51
CA ILE C 141 28.13 41.25 -11.78
C ILE C 141 28.37 42.59 -12.50
N THR C 142 27.45 42.95 -13.38
CA THR C 142 27.52 44.22 -14.05
C THR C 142 27.57 45.34 -13.00
N ARG C 143 26.80 45.19 -11.92
CA ARG C 143 26.78 46.20 -10.86
C ARG C 143 27.84 45.94 -9.81
N TYR C 144 28.18 44.66 -9.60
CA TYR C 144 29.18 44.28 -8.61
C TYR C 144 30.14 43.31 -9.29
N PRO C 145 31.16 43.85 -9.96
CA PRO C 145 32.11 43.06 -10.74
C PRO C 145 32.76 41.91 -9.97
N ALA C 146 33.20 42.14 -8.74
CA ALA C 146 33.93 41.11 -8.01
C ALA C 146 33.23 39.74 -7.99
N ILE C 147 31.91 39.76 -8.11
CA ILE C 147 31.09 38.56 -7.99
C ILE C 147 31.52 37.47 -8.99
N ALA C 148 31.97 37.89 -10.15
CA ALA C 148 32.39 36.96 -11.20
C ALA C 148 33.56 36.06 -10.80
N ASN C 149 34.20 36.39 -9.68
CA ASN C 149 35.35 35.63 -9.17
C ASN C 149 35.09 35.18 -7.73
N ASN C 150 33.88 35.43 -7.23
CA ASN C 150 33.46 34.84 -5.95
C ASN C 150 32.03 34.30 -6.01
N MET C 151 31.91 33.02 -6.32
CA MET C 151 30.63 32.30 -6.34
C MET C 151 30.77 30.97 -5.59
N THR C 152 29.82 30.65 -4.72
CA THR C 152 29.97 29.47 -3.87
C THR C 152 28.61 28.91 -3.43
N GLY C 153 28.62 27.71 -2.85
CA GLY C 153 27.42 27.18 -2.24
C GLY C 153 27.42 27.47 -0.74
N HIS C 154 26.26 27.32 -0.10
CA HIS C 154 26.17 27.54 1.35
C HIS C 154 27.06 26.55 2.07
N CYS C 155 27.14 25.34 1.51
CA CYS C 155 27.94 24.26 2.07
C CYS C 155 29.44 24.58 2.12
N ASN C 156 29.92 25.39 1.18
CA ASN C 156 31.34 25.75 1.19
C ASN C 156 31.70 26.74 2.30
N ILE C 157 30.78 27.65 2.60
CA ILE C 157 30.99 28.61 3.67
C ILE C 157 30.50 28.10 5.04
N ALA C 158 29.63 27.08 5.04
CA ALA C 158 29.13 26.54 6.29
C ALA C 158 29.17 25.02 6.30
N PRO C 159 30.33 24.46 5.93
CA PRO C 159 30.48 23.01 5.69
C PRO C 159 30.07 22.20 6.90
N GLU C 160 29.57 20.99 6.65
CA GLU C 160 29.02 20.15 7.72
C GLU C 160 27.64 20.68 8.17
N ARG C 161 27.59 21.90 8.69
CA ARG C 161 26.31 22.46 9.13
C ARG C 161 25.26 22.52 8.01
N LYS C 162 25.69 22.98 6.84
CA LYS C 162 24.79 23.10 5.70
C LYS C 162 25.25 22.24 4.54
N THR C 163 24.30 21.80 3.72
CA THR C 163 24.62 20.99 2.56
C THR C 163 24.10 21.60 1.25
N ASP C 164 23.21 22.58 1.36
CA ASP C 164 22.71 23.25 0.15
C ASP C 164 23.86 23.90 -0.61
N PRO C 165 23.80 23.92 -1.96
CA PRO C 165 22.80 23.42 -2.93
C PRO C 165 22.94 21.95 -3.32
N GLY C 166 23.81 21.19 -2.65
CA GLY C 166 23.90 19.75 -2.89
C GLY C 166 24.53 19.30 -4.20
N PRO C 167 24.83 17.99 -4.30
CA PRO C 167 25.38 17.34 -5.49
C PRO C 167 24.46 17.47 -6.70
N SER C 168 23.23 17.92 -6.49
CA SER C 168 22.34 18.20 -7.61
C SER C 168 22.74 19.50 -8.32
N PHE C 169 23.45 20.39 -7.64
CA PHE C 169 23.77 21.65 -8.30
C PHE C 169 24.95 21.52 -9.27
N ASP C 170 24.63 21.56 -10.55
CA ASP C 170 25.64 21.50 -11.61
C ASP C 170 26.26 22.88 -11.90
N TRP C 171 27.38 23.14 -11.24
CA TRP C 171 28.12 24.39 -11.40
C TRP C 171 28.49 24.64 -12.87
N ALA C 172 28.71 23.56 -13.60
CA ALA C 172 29.16 23.66 -14.98
C ALA C 172 28.06 24.20 -15.89
N ARG C 173 26.83 23.79 -15.61
CA ARG C 173 25.67 24.27 -16.35
C ARG C 173 25.31 25.72 -15.98
N PHE C 174 25.60 26.09 -14.75
CA PHE C 174 25.42 27.46 -14.29
C PHE C 174 26.51 28.36 -14.87
N ARG C 175 27.76 27.95 -14.71
CA ARG C 175 28.87 28.80 -15.15
C ARG C 175 28.83 29.03 -16.67
N ALA C 176 28.45 27.99 -17.41
CA ALA C 176 28.38 28.09 -18.88
C ALA C 176 27.61 29.32 -19.34
N LEU C 177 26.73 29.82 -18.47
CA LEU C 177 25.83 30.90 -18.83
C LEU C 177 26.20 32.26 -18.21
N VAL C 178 27.14 32.25 -17.26
CA VAL C 178 27.57 33.48 -16.60
C VAL C 178 28.53 34.26 -17.50
N THR C 179 28.47 35.58 -17.37
CA THR C 179 29.27 36.49 -18.21
C THR C 179 29.24 36.10 -19.68
ZN ZN D . -30.60 -31.08 3.29
ZN ZN E . 11.51 -1.63 -1.19
ZN ZN F . 21.60 27.57 2.43
#